data_9HDH
#
_entry.id   9HDH
#
_cell.length_a   61.642
_cell.length_b   176.251
_cell.length_c   95.714
_cell.angle_alpha   90.00
_cell.angle_beta   90.00
_cell.angle_gamma   90.00
#
_symmetry.space_group_name_H-M   'C 2 2 21'
#
loop_
_entity.id
_entity.type
_entity.pdbx_description
1 polymer 'Oxysterol-binding protein homolog 6'
2 polymer 'Increased sodium tolerance protein 2'
3 non-polymer O-[(R)-{[(2R)-2,3-bis(octadecanoyloxy)propyl]oxy}(hydroxy)phosphoryl]-L-serine
4 water water
#
loop_
_entity_poly.entity_id
_entity_poly.type
_entity_poly.pdbx_seq_one_letter_code
_entity_poly.pdbx_strand_id
1 'polypeptide(L)'
;GPKDQPIDTDDIDEDDESGHNIILNIISQLRPGCDLTRITLPTFILEKKSMLERVTNQLQFPEFLLQAHSEKDPLKRFLY
VMKWYLAGWHIAPKAVKKPLNPVLGEYFTAYWDLPNKQQAYYISEQTSHHPPECAYFYMIPESSIRVDGVVIPKSRFLGN
SSAAMMDGSTVLQFLDIKDGNGKPEKYVLTQPNVYVRGILFGKMRIELGDHMIIKSPNFQADIEFKTKGYVFGTYDAIEG
TVKDYDGNAYYEISGKWNDVMYLKDLKQPRSSPKVFLDTHKESPLRPKVRPLSEQGEYESRKLWKKVTDALAVRNHPVAT
EEKFQIEDHQRQLAKKRIEDGVEFHPKLFRRSKPGEDLDYCIYKNIPVDEDPEKQIRSILQIAPILPGQQFTDKFFIPAF
EKIKSQKKMIENEKQNPAKQA
;
A
2 'polypeptide(L)' VAGATLPETIPTSKNYYLRFDEDGKSIRDA C
#
loop_
_chem_comp.id
_chem_comp.type
_chem_comp.name
_chem_comp.formula
P5S non-polymer O-[(R)-{[(2R)-2,3-bis(octadecanoyloxy)propyl]oxy}(hydroxy)phosphoryl]-L-serine 'C42 H82 N O10 P'
#
# COMPACT_ATOMS: atom_id res chain seq x y z
N ASP A 11 -5.61 25.00 -26.33
CA ASP A 11 -5.31 24.91 -24.91
C ASP A 11 -5.53 23.48 -24.39
N ILE A 12 -6.33 23.34 -23.33
CA ILE A 12 -6.53 22.03 -22.72
C ILE A 12 -7.36 21.13 -23.63
N ASP A 13 -8.30 21.68 -24.40
CA ASP A 13 -9.10 20.86 -25.30
C ASP A 13 -8.23 20.23 -26.38
N GLU A 14 -7.28 20.99 -26.92
CA GLU A 14 -6.39 20.45 -27.93
C GLU A 14 -5.41 19.42 -27.34
N ASP A 15 -4.96 19.65 -26.10
CA ASP A 15 -4.15 18.64 -25.43
C ASP A 15 -4.94 17.36 -25.21
N ASP A 16 -6.22 17.49 -24.87
CA ASP A 16 -7.05 16.31 -24.64
C ASP A 16 -7.22 15.50 -25.91
N GLU A 17 -7.42 16.19 -27.03
CA GLU A 17 -7.54 15.50 -28.32
C GLU A 17 -6.28 14.74 -28.68
N SER A 18 -5.11 15.34 -28.46
CA SER A 18 -3.87 14.62 -28.79
C SER A 18 -3.66 13.44 -27.86
N GLY A 19 -3.94 13.62 -26.57
CA GLY A 19 -3.88 12.48 -25.65
C GLY A 19 -4.81 11.36 -26.06
N HIS A 20 -6.04 11.71 -26.45
CA HIS A 20 -6.99 10.76 -27.00
C HIS A 20 -6.37 9.98 -28.16
N ASN A 21 -5.84 10.72 -29.15
CA ASN A 21 -5.21 10.08 -30.31
C ASN A 21 -4.09 9.14 -29.90
N ILE A 22 -3.24 9.58 -28.97
CA ILE A 22 -2.09 8.76 -28.57
C ILE A 22 -2.57 7.42 -28.01
N ILE A 23 -3.60 7.45 -27.18
CA ILE A 23 -4.07 6.22 -26.55
C ILE A 23 -4.78 5.35 -27.58
N LEU A 24 -5.57 5.95 -28.47
CA LEU A 24 -6.24 5.19 -29.51
C LEU A 24 -5.24 4.42 -30.37
N ASN A 25 -4.09 5.03 -30.66
CA ASN A 25 -3.11 4.37 -31.50
C ASN A 25 -2.47 3.18 -30.80
N ILE A 26 -2.38 3.22 -29.47
CA ILE A 26 -1.91 2.06 -28.70
C ILE A 26 -2.96 0.95 -28.70
N ILE A 27 -4.21 1.33 -28.42
CA ILE A 27 -5.32 0.39 -28.27
C ILE A 27 -5.59 -0.36 -29.57
N SER A 28 -5.43 0.34 -30.70
CA SER A 28 -5.84 -0.21 -32.00
C SER A 28 -5.09 -1.49 -32.34
N GLN A 29 -3.93 -1.73 -31.72
CA GLN A 29 -3.06 -2.86 -32.00
C GLN A 29 -3.25 -4.03 -31.03
N LEU A 30 -4.14 -3.89 -30.04
CA LEU A 30 -4.28 -4.88 -28.98
C LEU A 30 -5.55 -5.71 -29.16
N ARG A 31 -5.53 -6.91 -28.56
CA ARG A 31 -6.68 -7.81 -28.56
C ARG A 31 -7.18 -7.98 -27.13
N PRO A 32 -8.48 -7.86 -26.88
CA PRO A 32 -9.00 -7.99 -25.51
C PRO A 32 -8.56 -9.30 -24.85
N GLY A 33 -8.10 -9.18 -23.60
CA GLY A 33 -7.63 -10.31 -22.83
C GLY A 33 -6.13 -10.35 -22.63
N CYS A 34 -5.37 -9.55 -23.36
CA CYS A 34 -3.91 -9.58 -23.29
C CYS A 34 -3.42 -8.70 -22.14
N ASP A 35 -2.18 -8.94 -21.72
CA ASP A 35 -1.59 -8.09 -20.69
C ASP A 35 -0.97 -6.84 -21.32
N LEU A 36 -0.59 -5.89 -20.47
CA LEU A 36 0.02 -4.64 -20.92
C LEU A 36 1.48 -4.53 -20.49
N THR A 37 2.14 -5.66 -20.19
CA THR A 37 3.48 -5.58 -19.62
C THR A 37 4.48 -4.99 -20.62
N ARG A 38 4.29 -5.23 -21.91
CA ARG A 38 5.20 -4.73 -22.95
C ARG A 38 4.79 -3.38 -23.53
N ILE A 39 3.66 -2.81 -23.09
CA ILE A 39 3.17 -1.55 -23.62
C ILE A 39 3.64 -0.42 -22.72
N THR A 40 4.24 0.61 -23.29
CA THR A 40 4.63 1.78 -22.52
C THR A 40 3.50 2.81 -22.54
N LEU A 41 3.05 3.20 -21.36
CA LEU A 41 2.01 4.21 -21.36
C LEU A 41 2.61 5.61 -21.32
N PRO A 42 1.89 6.63 -21.79
CA PRO A 42 2.46 7.98 -21.79
C PRO A 42 2.52 8.58 -20.39
N THR A 43 3.35 9.62 -20.25
CA THR A 43 3.55 10.20 -18.93
C THR A 43 2.41 11.07 -18.47
N PHE A 44 1.52 11.49 -19.37
CA PHE A 44 0.43 12.36 -18.95
C PHE A 44 -0.69 11.62 -18.22
N ILE A 45 -0.57 10.31 -17.99
CA ILE A 45 -1.49 9.63 -17.10
C ILE A 45 -0.81 9.26 -15.77
N LEU A 46 0.32 9.88 -15.44
CA LEU A 46 1.06 9.55 -14.22
C LEU A 46 0.78 10.56 -13.11
N GLU A 47 0.60 10.05 -11.88
CA GLU A 47 0.65 10.93 -10.73
C GLU A 47 2.09 11.01 -10.23
N LYS A 48 2.35 11.93 -9.30
CA LYS A 48 3.72 12.25 -8.90
C LYS A 48 4.20 11.40 -7.74
N LYS A 49 3.84 10.11 -7.69
CA LYS A 49 4.35 9.22 -6.65
C LYS A 49 4.48 7.81 -7.22
N SER A 50 5.42 7.06 -6.67
CA SER A 50 5.53 5.68 -7.11
C SER A 50 4.52 4.81 -6.34
N MET A 51 4.32 3.60 -6.83
CA MET A 51 3.37 2.68 -6.18
C MET A 51 3.75 2.42 -4.71
N LEU A 52 5.05 2.40 -4.41
CA LEU A 52 5.47 2.14 -3.04
C LEU A 52 4.92 3.18 -2.08
N GLU A 53 4.88 4.44 -2.51
CA GLU A 53 4.27 5.49 -1.68
C GLU A 53 2.75 5.46 -1.76
N ARG A 54 2.19 5.15 -2.92
CA ARG A 54 0.72 5.11 -3.05
C ARG A 54 0.11 4.15 -2.02
N VAL A 55 0.78 3.04 -1.71
CA VAL A 55 0.29 2.12 -0.67
C VAL A 55 0.00 2.86 0.63
N THR A 56 0.87 3.82 1.00
CA THR A 56 0.69 4.50 2.29
C THR A 56 -0.57 5.35 2.33
N ASN A 57 -1.18 5.68 1.17
CA ASN A 57 -2.49 6.35 1.18
C ASN A 57 -3.49 5.54 1.99
N GLN A 58 -3.41 4.22 1.89
CA GLN A 58 -4.34 3.31 2.54
C GLN A 58 -4.08 3.17 4.02
N LEU A 59 -3.02 3.79 4.52
CA LEU A 59 -2.63 3.69 5.93
C LEU A 59 -2.83 5.01 6.67
N GLN A 60 -3.58 5.93 6.07
CA GLN A 60 -3.69 7.29 6.60
C GLN A 60 -4.77 7.45 7.66
N PHE A 61 -5.42 6.36 8.07
CA PHE A 61 -6.45 6.40 9.11
C PHE A 61 -6.14 5.41 10.23
N PRO A 62 -4.99 5.58 10.89
CA PRO A 62 -4.62 4.64 11.96
C PRO A 62 -5.54 4.71 13.17
N GLU A 63 -6.25 5.82 13.38
CA GLU A 63 -7.12 5.87 14.55
C GLU A 63 -8.17 4.76 14.53
N PHE A 64 -8.64 4.35 13.34
CA PHE A 64 -9.61 3.27 13.28
C PHE A 64 -8.97 1.93 13.66
N LEU A 65 -7.69 1.76 13.34
CA LEU A 65 -7.01 0.53 13.73
C LEU A 65 -6.73 0.52 15.22
N LEU A 66 -6.39 1.68 15.79
CA LEU A 66 -6.22 1.77 17.25
C LEU A 66 -7.52 1.47 17.96
N GLN A 67 -8.64 1.92 17.40
CA GLN A 67 -9.94 1.60 17.96
C GLN A 67 -10.20 0.10 17.93
N ALA A 68 -9.90 -0.55 16.80
CA ALA A 68 -10.11 -1.99 16.70
C ALA A 68 -9.30 -2.73 17.75
N HIS A 69 -8.05 -2.33 17.94
CA HIS A 69 -7.16 -3.05 18.85
C HIS A 69 -7.68 -3.00 20.29
N SER A 70 -8.33 -1.89 20.66
CA SER A 70 -8.83 -1.70 22.01
C SER A 70 -10.22 -2.28 22.21
N GLU A 71 -10.83 -2.84 21.17
CA GLU A 71 -12.21 -3.31 21.22
C GLU A 71 -12.21 -4.80 21.58
N LYS A 72 -12.93 -5.16 22.64
CA LYS A 72 -12.87 -6.52 23.15
C LYS A 72 -13.83 -7.48 22.43
N ASP A 73 -14.91 -6.96 21.87
CA ASP A 73 -15.90 -7.80 21.22
C ASP A 73 -15.40 -8.16 19.82
N PRO A 74 -15.28 -9.45 19.47
CA PRO A 74 -14.67 -9.81 18.17
C PRO A 74 -15.42 -9.25 16.97
N LEU A 75 -16.75 -9.20 17.03
CA LEU A 75 -17.49 -8.70 15.86
C LEU A 75 -17.33 -7.20 15.73
N LYS A 76 -17.39 -6.47 16.85
CA LYS A 76 -17.16 -5.03 16.81
C LYS A 76 -15.74 -4.71 16.37
N ARG A 77 -14.77 -5.48 16.86
CA ARG A 77 -13.39 -5.31 16.41
C ARG A 77 -13.27 -5.50 14.91
N PHE A 78 -13.99 -6.50 14.37
CA PHE A 78 -13.97 -6.74 12.93
C PHE A 78 -14.49 -5.52 12.18
N LEU A 79 -15.53 -4.87 12.72
CA LEU A 79 -16.10 -3.72 12.04
C LEU A 79 -15.10 -2.56 11.99
N TYR A 80 -14.36 -2.33 13.07
CA TYR A 80 -13.33 -1.28 13.05
C TYR A 80 -12.21 -1.61 12.08
N VAL A 81 -11.83 -2.88 11.95
CA VAL A 81 -10.83 -3.25 10.94
C VAL A 81 -11.35 -2.95 9.55
N MET A 82 -12.63 -3.28 9.29
CA MET A 82 -13.21 -2.96 7.99
C MET A 82 -13.22 -1.46 7.75
N LYS A 83 -13.54 -0.68 8.78
CA LYS A 83 -13.53 0.77 8.70
C LYS A 83 -12.13 1.30 8.33
N TRP A 84 -11.11 0.82 9.04
CA TRP A 84 -9.73 1.19 8.75
C TRP A 84 -9.37 0.90 7.29
N TYR A 85 -9.72 -0.29 6.83
CA TYR A 85 -9.28 -0.72 5.49
C TYR A 85 -10.05 0.01 4.39
N LEU A 86 -11.35 0.22 4.58
CA LEU A 86 -12.14 0.91 3.56
C LEU A 86 -11.83 2.41 3.50
N ALA A 87 -11.37 3.00 4.60
CA ALA A 87 -11.20 4.45 4.67
C ALA A 87 -10.15 4.97 3.70
N GLY A 88 -9.13 4.18 3.38
CA GLY A 88 -8.02 4.73 2.59
C GLY A 88 -8.28 4.87 1.11
N TRP A 89 -9.26 4.13 0.56
CA TRP A 89 -9.40 4.03 -0.89
C TRP A 89 -9.74 5.37 -1.54
N HIS A 90 -10.48 6.24 -0.86
CA HIS A 90 -10.84 7.52 -1.46
C HIS A 90 -9.66 8.51 -1.49
N ILE A 91 -8.53 8.23 -0.85
CA ILE A 91 -7.36 9.09 -0.99
C ILE A 91 -6.66 8.65 -2.28
N ALA A 92 -6.99 9.31 -3.38
CA ALA A 92 -6.60 8.89 -4.72
C ALA A 92 -6.59 10.12 -5.61
N PRO A 93 -5.82 10.11 -6.70
CA PRO A 93 -5.77 11.26 -7.60
C PRO A 93 -7.14 11.55 -8.20
N LYS A 94 -7.33 12.79 -8.64
CA LYS A 94 -8.67 13.20 -9.05
C LYS A 94 -8.99 12.85 -10.50
N ALA A 95 -8.05 13.07 -11.41
CA ALA A 95 -8.32 12.75 -12.80
C ALA A 95 -7.86 11.31 -13.06
N VAL A 96 -7.58 10.96 -14.31
CA VAL A 96 -7.24 9.59 -14.68
C VAL A 96 -5.71 9.50 -14.57
N LYS A 97 -5.23 9.02 -13.41
CA LYS A 97 -3.80 8.96 -13.17
C LYS A 97 -3.48 7.70 -12.38
N LYS A 98 -2.29 7.16 -12.58
CA LYS A 98 -1.79 6.00 -11.87
C LYS A 98 -0.41 6.30 -11.30
N PRO A 99 0.01 5.60 -10.25
CA PRO A 99 1.38 5.78 -9.74
C PRO A 99 2.43 5.34 -10.74
N LEU A 100 3.64 5.84 -10.55
CA LEU A 100 4.79 5.32 -11.27
C LEU A 100 5.03 3.85 -10.91
N ASN A 101 5.28 3.03 -11.92
CA ASN A 101 5.71 1.65 -11.69
C ASN A 101 7.10 1.65 -11.08
N PRO A 102 7.33 1.08 -9.90
CA PRO A 102 8.66 1.17 -9.30
C PRO A 102 9.67 0.29 -10.03
N VAL A 103 10.95 0.68 -9.94
CA VAL A 103 12.00 -0.15 -10.52
C VAL A 103 12.34 -1.28 -9.57
N LEU A 104 12.97 -2.32 -10.12
CA LEU A 104 13.34 -3.47 -9.32
C LEU A 104 14.32 -3.04 -8.23
N GLY A 105 13.98 -3.34 -6.96
CA GLY A 105 14.81 -2.92 -5.84
C GLY A 105 14.54 -1.50 -5.33
N GLU A 106 13.68 -0.72 -5.99
CA GLU A 106 13.26 0.56 -5.43
C GLU A 106 12.70 0.34 -4.02
N TYR A 107 12.89 1.32 -3.13
CA TYR A 107 12.37 1.18 -1.78
C TYR A 107 11.83 2.51 -1.29
N PHE A 108 11.00 2.46 -0.26
CA PHE A 108 10.37 3.67 0.25
C PHE A 108 10.07 3.42 1.72
N THR A 109 10.44 4.38 2.58
CA THR A 109 10.17 4.28 4.01
C THR A 109 9.45 5.53 4.45
N ALA A 110 8.68 5.42 5.51
CA ALA A 110 7.93 6.56 5.99
C ALA A 110 7.54 6.29 7.44
N TYR A 111 7.08 7.32 8.12
CA TYR A 111 6.64 7.15 9.50
C TYR A 111 5.51 8.11 9.77
N TRP A 112 4.77 7.84 10.84
CA TRP A 112 3.70 8.72 11.28
C TRP A 112 3.93 9.08 12.75
N ASP A 113 3.66 10.34 13.07
CA ASP A 113 3.61 10.80 14.45
C ASP A 113 2.13 10.79 14.85
N LEU A 114 1.75 9.79 15.67
CA LEU A 114 0.36 9.55 16.04
C LEU A 114 -0.03 10.43 17.23
N PRO A 115 -1.33 10.76 17.34
CA PRO A 115 -1.77 11.61 18.47
C PRO A 115 -1.45 11.05 19.85
N ASN A 116 -1.25 9.74 19.99
CA ASN A 116 -0.97 9.13 21.29
C ASN A 116 0.52 9.10 21.63
N LYS A 117 1.33 9.93 20.97
CA LYS A 117 2.77 10.06 21.20
C LYS A 117 3.56 8.84 20.76
N GLN A 118 2.93 7.88 20.08
CA GLN A 118 3.64 6.75 19.48
C GLN A 118 3.93 7.04 18.01
N GLN A 119 4.68 6.14 17.39
CA GLN A 119 4.96 6.24 15.98
C GLN A 119 4.53 4.97 15.25
N ALA A 120 4.15 5.13 13.99
CA ALA A 120 3.95 4.02 13.06
C ALA A 120 5.08 4.05 12.05
N TYR A 121 5.57 2.88 11.65
CA TYR A 121 6.69 2.80 10.71
C TYR A 121 6.31 1.98 9.48
N TYR A 122 6.86 2.38 8.32
CA TYR A 122 6.52 1.75 7.05
C TYR A 122 7.80 1.55 6.22
N ILE A 123 7.96 0.35 5.69
CA ILE A 123 9.09 -0.02 4.86
C ILE A 123 8.54 -0.82 3.68
N SER A 124 9.01 -0.49 2.46
CA SER A 124 8.54 -1.18 1.26
C SER A 124 9.67 -1.33 0.26
N GLU A 125 9.53 -2.32 -0.62
CA GLU A 125 10.50 -2.59 -1.68
C GLU A 125 9.82 -3.24 -2.87
N GLN A 126 10.25 -2.87 -4.09
CA GLN A 126 9.82 -3.60 -5.27
C GLN A 126 10.65 -4.87 -5.37
N THR A 127 10.00 -6.04 -5.23
CA THR A 127 10.72 -7.31 -5.17
C THR A 127 10.78 -8.04 -6.49
N SER A 128 9.94 -7.67 -7.45
CA SER A 128 9.97 -8.31 -8.75
C SER A 128 9.49 -7.34 -9.81
N HIS A 129 10.02 -7.52 -11.02
CA HIS A 129 9.64 -6.70 -12.16
C HIS A 129 8.82 -7.47 -13.18
N HIS A 130 9.16 -8.73 -13.42
CA HIS A 130 8.49 -9.61 -14.39
C HIS A 130 8.15 -10.89 -13.67
N PRO A 131 6.96 -10.98 -13.06
CA PRO A 131 5.89 -9.98 -13.02
C PRO A 131 6.11 -8.98 -11.91
N PRO A 132 5.46 -7.81 -11.97
CA PRO A 132 5.69 -6.78 -10.96
C PRO A 132 5.12 -7.16 -9.60
N GLU A 133 5.91 -6.89 -8.56
CA GLU A 133 5.45 -7.15 -7.20
C GLU A 133 6.19 -6.21 -6.26
N CYS A 134 5.47 -5.64 -5.29
CA CYS A 134 6.15 -4.98 -4.19
C CYS A 134 5.61 -5.50 -2.86
N ALA A 135 6.44 -5.40 -1.84
CA ALA A 135 6.13 -5.86 -0.50
C ALA A 135 6.20 -4.67 0.45
N TYR A 136 5.45 -4.75 1.53
CA TYR A 136 5.42 -3.66 2.49
C TYR A 136 5.21 -4.23 3.88
N PHE A 137 5.62 -3.43 4.86
CA PHE A 137 5.65 -3.78 6.26
C PHE A 137 5.30 -2.50 7.00
N TYR A 138 4.38 -2.61 7.95
CA TYR A 138 3.85 -1.47 8.68
C TYR A 138 3.65 -1.90 10.12
N MET A 139 4.13 -1.13 11.09
CA MET A 139 3.98 -1.57 12.47
C MET A 139 3.85 -0.37 13.40
N ILE A 140 3.03 -0.55 14.42
CA ILE A 140 2.91 0.37 15.56
C ILE A 140 3.26 -0.44 16.80
N PRO A 141 4.53 -0.57 17.14
CA PRO A 141 4.90 -1.52 18.22
C PRO A 141 4.24 -1.22 19.55
N GLU A 142 4.12 0.06 19.92
CA GLU A 142 3.57 0.34 21.24
C GLU A 142 2.06 0.14 21.31
N SER A 143 1.41 -0.19 20.19
CA SER A 143 0.01 -0.63 20.19
C SER A 143 -0.13 -2.08 19.72
N SER A 144 0.98 -2.80 19.56
CA SER A 144 0.97 -4.22 19.21
C SER A 144 0.21 -4.48 17.90
N ILE A 145 0.42 -3.61 16.92
CA ILE A 145 -0.21 -3.73 15.60
C ILE A 145 0.87 -3.94 14.56
N ARG A 146 0.69 -4.97 13.72
CA ARG A 146 1.63 -5.27 12.64
C ARG A 146 0.86 -5.59 11.38
N VAL A 147 1.32 -5.04 10.26
CA VAL A 147 0.75 -5.28 8.94
C VAL A 147 1.86 -5.67 7.98
N ASP A 148 1.63 -6.74 7.21
CA ASP A 148 2.54 -7.21 6.18
C ASP A 148 1.73 -7.38 4.90
N GLY A 149 2.30 -7.04 3.75
CA GLY A 149 1.47 -7.18 2.57
C GLY A 149 2.29 -7.20 1.31
N VAL A 150 1.61 -7.53 0.21
CA VAL A 150 2.22 -7.51 -1.11
C VAL A 150 1.19 -6.95 -2.09
N VAL A 151 1.68 -6.18 -3.07
CA VAL A 151 0.85 -5.69 -4.17
C VAL A 151 1.34 -6.39 -5.44
N ILE A 152 0.42 -7.01 -6.17
CA ILE A 152 0.78 -7.82 -7.32
C ILE A 152 -0.14 -7.39 -8.46
N PRO A 153 0.16 -6.32 -9.17
CA PRO A 153 -0.75 -5.85 -10.21
C PRO A 153 -0.51 -6.59 -11.53
N LYS A 154 -1.58 -7.14 -12.09
CA LYS A 154 -1.50 -7.82 -13.38
C LYS A 154 -2.31 -7.02 -14.38
N SER A 155 -1.62 -6.36 -15.31
CA SER A 155 -2.27 -5.41 -16.20
C SER A 155 -3.00 -6.17 -17.29
N ARG A 156 -4.15 -5.63 -17.69
CA ARG A 156 -5.00 -6.34 -18.65
C ARG A 156 -5.69 -5.34 -19.55
N PHE A 157 -5.67 -5.61 -20.85
CA PHE A 157 -6.48 -4.85 -21.80
C PHE A 157 -7.74 -5.64 -22.07
N LEU A 158 -8.89 -4.97 -21.98
CA LEU A 158 -10.19 -5.63 -22.11
C LEU A 158 -11.05 -5.04 -23.21
N GLY A 159 -10.55 -4.09 -24.01
CA GLY A 159 -11.35 -3.48 -25.05
C GLY A 159 -11.75 -2.05 -24.72
N ASN A 160 -12.99 -1.86 -24.26
CA ASN A 160 -13.39 -0.55 -23.78
C ASN A 160 -12.85 -0.26 -22.38
N SER A 161 -12.06 -1.17 -21.80
CA SER A 161 -11.53 -0.93 -20.48
C SER A 161 -10.16 -1.58 -20.36
N SER A 162 -9.41 -1.14 -19.34
CA SER A 162 -8.20 -1.85 -18.92
C SER A 162 -8.22 -1.94 -17.42
N ALA A 163 -7.39 -2.82 -16.88
CA ALA A 163 -7.44 -3.08 -15.44
C ALA A 163 -6.07 -3.41 -14.91
N ALA A 164 -5.85 -3.05 -13.66
CA ALA A 164 -4.86 -3.71 -12.84
C ALA A 164 -5.64 -4.73 -12.02
N MET A 165 -5.49 -5.99 -12.39
CA MET A 165 -6.03 -7.09 -11.58
C MET A 165 -5.14 -7.22 -10.35
N MET A 166 -5.69 -6.94 -9.17
CA MET A 166 -4.91 -6.81 -7.94
C MET A 166 -4.87 -8.16 -7.24
N ASP A 167 -3.76 -8.88 -7.39
CA ASP A 167 -3.65 -10.22 -6.82
C ASP A 167 -2.88 -10.25 -5.49
N GLY A 168 -2.56 -9.09 -4.90
CA GLY A 168 -1.85 -9.07 -3.63
C GLY A 168 -2.80 -9.29 -2.46
N SER A 169 -2.24 -9.17 -1.25
CA SER A 169 -3.09 -9.23 -0.06
C SER A 169 -2.32 -8.63 1.11
N THR A 170 -3.04 -8.40 2.20
CA THR A 170 -2.52 -7.79 3.41
C THR A 170 -2.84 -8.71 4.58
N VAL A 171 -1.88 -8.90 5.48
CA VAL A 171 -2.11 -9.63 6.73
C VAL A 171 -1.96 -8.65 7.88
N LEU A 172 -3.01 -8.51 8.69
CA LEU A 172 -3.00 -7.67 9.88
C LEU A 172 -3.01 -8.57 11.11
N GLN A 173 -2.13 -8.29 12.07
CA GLN A 173 -2.11 -9.03 13.32
C GLN A 173 -2.16 -8.06 14.49
N PHE A 174 -2.98 -8.39 15.49
CA PHE A 174 -2.98 -7.74 16.79
C PHE A 174 -2.12 -8.65 17.68
N LEU A 175 -0.88 -8.24 17.93
CA LEU A 175 0.11 -9.17 18.46
C LEU A 175 -0.22 -9.60 19.89
N ASP A 176 -0.93 -8.76 20.64
CA ASP A 176 -1.25 -9.09 22.02
C ASP A 176 -2.68 -9.60 22.22
N ILE A 177 -3.42 -9.84 21.14
CA ILE A 177 -4.73 -10.48 21.21
C ILE A 177 -4.54 -11.91 20.74
N LYS A 178 -4.56 -12.85 21.68
CA LYS A 178 -4.14 -14.23 21.43
C LYS A 178 -5.35 -15.14 21.27
N ASP A 179 -5.24 -16.12 20.39
CA ASP A 179 -6.33 -17.06 20.21
C ASP A 179 -6.13 -18.27 21.13
N GLY A 180 -6.92 -19.32 20.90
CA GLY A 180 -6.78 -20.53 21.71
C GLY A 180 -5.39 -21.14 21.63
N ASN A 181 -4.76 -21.06 20.47
CA ASN A 181 -3.41 -21.58 20.28
C ASN A 181 -2.33 -20.67 20.85
N GLY A 182 -2.70 -19.53 21.44
CA GLY A 182 -1.71 -18.56 21.87
C GLY A 182 -1.08 -17.75 20.77
N LYS A 183 -1.62 -17.80 19.54
CA LYS A 183 -1.05 -17.01 18.45
C LYS A 183 -1.89 -15.76 18.20
N PRO A 184 -1.29 -14.71 17.63
CA PRO A 184 -2.02 -13.43 17.50
C PRO A 184 -3.20 -13.53 16.56
N GLU A 185 -4.24 -12.76 16.87
CA GLU A 185 -5.42 -12.69 16.00
C GLU A 185 -5.03 -12.11 14.64
N LYS A 186 -5.44 -12.78 13.57
CA LYS A 186 -4.95 -12.50 12.23
C LYS A 186 -6.12 -12.21 11.29
N TYR A 187 -5.98 -11.15 10.49
CA TYR A 187 -6.95 -10.76 9.48
C TYR A 187 -6.26 -10.80 8.13
N VAL A 188 -6.90 -11.39 7.13
CA VAL A 188 -6.39 -11.35 5.76
C VAL A 188 -7.34 -10.50 4.92
N LEU A 189 -6.78 -9.55 4.16
CA LEU A 189 -7.58 -8.60 3.40
C LEU A 189 -7.08 -8.56 1.97
N THR A 190 -7.98 -8.77 1.01
CA THR A 190 -7.57 -8.70 -0.38
C THR A 190 -7.94 -7.35 -0.96
N GLN A 191 -7.65 -7.18 -2.24
CA GLN A 191 -7.77 -5.90 -2.88
C GLN A 191 -8.71 -6.02 -4.08
N PRO A 192 -9.62 -5.06 -4.26
CA PRO A 192 -10.42 -5.04 -5.48
C PRO A 192 -9.55 -4.69 -6.68
N ASN A 193 -10.07 -4.95 -7.87
CA ASN A 193 -9.33 -4.56 -9.07
C ASN A 193 -9.58 -3.10 -9.42
N VAL A 194 -8.60 -2.49 -10.10
CA VAL A 194 -8.66 -1.08 -10.48
C VAL A 194 -8.83 -1.02 -11.99
N TYR A 195 -9.91 -0.39 -12.43
CA TYR A 195 -10.27 -0.34 -13.84
C TYR A 195 -10.17 1.09 -14.35
N VAL A 196 -9.89 1.22 -15.64
CA VAL A 196 -10.19 2.45 -16.36
C VAL A 196 -11.16 2.04 -17.46
N ARG A 197 -12.34 2.68 -17.48
CA ARG A 197 -13.35 2.29 -18.46
C ARG A 197 -13.66 3.46 -19.38
N GLY A 198 -14.23 3.15 -20.54
CA GLY A 198 -14.58 4.16 -21.51
C GLY A 198 -13.49 4.51 -22.50
N ILE A 199 -12.46 3.69 -22.64
CA ILE A 199 -11.30 4.10 -23.41
C ILE A 199 -11.58 4.07 -24.92
N LEU A 200 -12.57 3.29 -25.36
CA LEU A 200 -12.84 3.11 -26.78
C LEU A 200 -13.96 4.02 -27.27
N PHE A 201 -15.14 3.93 -26.65
CA PHE A 201 -16.28 4.74 -27.03
C PHE A 201 -16.83 5.44 -25.79
N GLY A 202 -16.04 6.34 -25.24
CA GLY A 202 -16.48 7.15 -24.11
C GLY A 202 -15.38 8.06 -23.65
N LYS A 203 -15.41 8.41 -22.37
CA LYS A 203 -14.32 9.13 -21.73
C LYS A 203 -13.77 8.27 -20.60
N MET A 204 -12.46 8.36 -20.40
CA MET A 204 -11.84 7.50 -19.41
C MET A 204 -12.29 7.88 -18.01
N ARG A 205 -12.58 6.86 -17.20
CA ARG A 205 -12.91 7.05 -15.79
C ARG A 205 -12.33 5.89 -14.98
N ILE A 206 -11.72 6.19 -13.83
CA ILE A 206 -11.20 5.12 -12.98
C ILE A 206 -12.33 4.59 -12.09
N GLU A 207 -12.39 3.27 -11.96
CA GLU A 207 -13.36 2.59 -11.11
C GLU A 207 -12.68 1.45 -10.38
N LEU A 208 -13.14 1.20 -9.15
CA LEU A 208 -12.85 -0.06 -8.50
C LEU A 208 -13.89 -1.09 -8.91
N GLY A 209 -13.48 -2.36 -8.96
CA GLY A 209 -14.40 -3.41 -9.31
C GLY A 209 -14.08 -4.74 -8.69
N ASP A 210 -15.06 -5.65 -8.81
CA ASP A 210 -15.01 -7.03 -8.34
C ASP A 210 -14.92 -7.05 -6.82
N HIS A 211 -14.25 -8.04 -6.24
CA HIS A 211 -14.48 -8.38 -4.85
C HIS A 211 -13.30 -8.03 -3.95
N MET A 212 -13.64 -7.58 -2.74
CA MET A 212 -12.71 -7.40 -1.64
C MET A 212 -13.12 -8.34 -0.53
N ILE A 213 -12.20 -9.18 -0.08
CA ILE A 213 -12.49 -10.18 0.96
C ILE A 213 -11.72 -9.79 2.21
N ILE A 214 -12.39 -9.85 3.36
CA ILE A 214 -11.78 -9.63 4.65
C ILE A 214 -12.12 -10.82 5.53
N LYS A 215 -11.10 -11.48 6.08
CA LYS A 215 -11.31 -12.71 6.82
C LYS A 215 -10.60 -12.65 8.16
N SER A 216 -11.33 -12.97 9.23
CA SER A 216 -10.76 -13.06 10.55
C SER A 216 -10.95 -14.49 11.07
N PRO A 217 -10.49 -14.82 12.28
CA PRO A 217 -10.70 -16.19 12.77
C PRO A 217 -12.16 -16.59 12.85
N ASN A 218 -13.08 -15.66 13.12
CA ASN A 218 -14.49 -16.02 13.30
C ASN A 218 -15.47 -15.25 12.42
N PHE A 219 -15.02 -14.26 11.63
CA PHE A 219 -15.92 -13.48 10.79
C PHE A 219 -15.29 -13.26 9.42
N GLN A 220 -16.14 -12.90 8.47
CA GLN A 220 -15.67 -12.62 7.12
C GLN A 220 -16.60 -11.62 6.48
N ALA A 221 -16.07 -10.89 5.50
CA ALA A 221 -16.90 -9.99 4.72
C ALA A 221 -16.47 -10.09 3.27
N ASP A 222 -17.45 -10.14 2.39
CA ASP A 222 -17.22 -10.13 0.96
C ASP A 222 -17.89 -8.86 0.45
N ILE A 223 -17.10 -7.91 -0.04
CA ILE A 223 -17.60 -6.62 -0.47
C ILE A 223 -17.42 -6.54 -1.97
N GLU A 224 -18.52 -6.37 -2.69
CA GLU A 224 -18.48 -6.23 -4.14
C GLU A 224 -18.40 -4.74 -4.50
N PHE A 225 -17.44 -4.40 -5.35
CA PHE A 225 -17.31 -3.05 -5.89
C PHE A 225 -18.00 -3.07 -7.24
N LYS A 226 -19.14 -2.40 -7.32
CA LYS A 226 -20.01 -2.49 -8.48
C LYS A 226 -19.69 -1.41 -9.50
N THR A 227 -20.02 -1.69 -10.75
CA THR A 227 -20.01 -0.65 -11.77
C THR A 227 -21.44 -0.23 -12.05
N LYS A 228 -21.60 0.98 -12.60
CA LYS A 228 -22.92 1.49 -12.87
C LYS A 228 -23.56 0.74 -14.04
N GLY A 229 -24.89 0.62 -14.01
CA GLY A 229 -25.61 0.16 -15.16
C GLY A 229 -25.75 1.26 -16.20
N TYR A 230 -26.39 0.92 -17.31
CA TYR A 230 -26.68 1.93 -18.33
C TYR A 230 -27.58 3.02 -17.75
N VAL A 231 -28.63 2.62 -17.04
CA VAL A 231 -29.59 3.58 -16.48
C VAL A 231 -29.68 3.45 -14.96
N PHE A 232 -29.56 2.25 -14.43
CA PHE A 232 -29.76 2.03 -13.00
C PHE A 232 -28.43 1.97 -12.25
N GLY A 233 -28.45 2.41 -10.99
CA GLY A 233 -27.27 2.35 -10.16
C GLY A 233 -26.48 3.65 -10.15
N THR A 234 -25.37 3.63 -9.41
CA THR A 234 -24.44 4.76 -9.39
C THR A 234 -23.01 4.25 -9.58
N TYR A 235 -22.12 5.16 -9.93
CA TYR A 235 -20.70 4.81 -9.91
C TYR A 235 -20.23 4.68 -8.47
N ASP A 236 -19.16 3.91 -8.28
CA ASP A 236 -18.42 3.81 -7.03
C ASP A 236 -19.23 3.19 -5.89
N ALA A 237 -20.28 2.43 -6.21
CA ALA A 237 -21.09 1.79 -5.19
C ALA A 237 -20.41 0.53 -4.66
N ILE A 238 -20.68 0.22 -3.39
CA ILE A 238 -20.21 -1.03 -2.79
C ILE A 238 -21.39 -1.71 -2.12
N GLU A 239 -21.29 -3.04 -2.02
CA GLU A 239 -22.34 -3.85 -1.42
C GLU A 239 -21.69 -5.07 -0.80
N GLY A 240 -21.90 -5.30 0.49
CA GLY A 240 -21.35 -6.51 1.06
C GLY A 240 -22.01 -6.90 2.36
N THR A 241 -21.69 -8.11 2.80
CA THR A 241 -22.24 -8.69 4.01
C THR A 241 -21.11 -9.08 4.96
N VAL A 242 -21.33 -8.81 6.25
CA VAL A 242 -20.47 -9.31 7.32
C VAL A 242 -21.13 -10.57 7.86
N LYS A 243 -20.42 -11.69 7.80
CA LYS A 243 -20.98 -12.98 8.18
C LYS A 243 -20.02 -13.69 9.12
N ASP A 244 -20.52 -14.73 9.80
CA ASP A 244 -19.61 -15.69 10.42
C ASP A 244 -19.31 -16.76 9.38
N TYR A 245 -18.71 -17.87 9.78
CA TYR A 245 -18.44 -18.93 8.82
C TYR A 245 -19.52 -19.99 8.81
N ASP A 246 -20.65 -19.74 9.48
CA ASP A 246 -21.75 -20.70 9.50
C ASP A 246 -22.99 -20.17 8.77
N GLY A 247 -22.81 -19.13 7.94
CA GLY A 247 -23.90 -18.61 7.13
C GLY A 247 -24.78 -17.58 7.79
N ASN A 248 -24.47 -17.15 9.02
CA ASN A 248 -25.22 -16.10 9.67
C ASN A 248 -24.74 -14.73 9.20
N ALA A 249 -25.66 -13.89 8.76
CA ALA A 249 -25.33 -12.54 8.30
C ALA A 249 -25.64 -11.54 9.41
N TYR A 250 -24.67 -10.71 9.75
CA TYR A 250 -24.82 -9.74 10.84
C TYR A 250 -25.04 -8.32 10.36
N TYR A 251 -24.32 -7.87 9.33
CA TYR A 251 -24.44 -6.51 8.84
C TYR A 251 -24.36 -6.47 7.33
N GLU A 252 -24.97 -5.44 6.76
CA GLU A 252 -24.86 -5.15 5.33
C GLU A 252 -24.16 -3.81 5.17
N ILE A 253 -23.15 -3.75 4.32
CA ILE A 253 -22.49 -2.49 4.02
C ILE A 253 -22.98 -2.02 2.66
N SER A 254 -23.17 -0.71 2.53
CA SER A 254 -23.67 -0.12 1.29
C SER A 254 -23.13 1.29 1.14
N GLY A 255 -23.51 1.96 0.05
CA GLY A 255 -23.04 3.31 -0.21
C GLY A 255 -21.94 3.35 -1.24
N LYS A 256 -21.05 4.33 -1.14
CA LYS A 256 -20.01 4.56 -2.13
C LYS A 256 -18.66 4.68 -1.43
N TRP A 257 -17.63 4.07 -2.00
CA TRP A 257 -16.35 4.09 -1.30
C TRP A 257 -15.67 5.44 -1.31
N ASN A 258 -16.12 6.40 -2.13
CA ASN A 258 -15.56 7.74 -2.12
C ASN A 258 -16.57 8.80 -1.69
N ASP A 259 -17.62 8.39 -0.98
CA ASP A 259 -18.64 9.31 -0.47
C ASP A 259 -19.00 8.85 0.92
N VAL A 260 -20.23 8.38 1.13
CA VAL A 260 -20.67 7.89 2.43
C VAL A 260 -20.97 6.40 2.33
N MET A 261 -20.40 5.63 3.26
CA MET A 261 -20.71 4.21 3.40
C MET A 261 -21.61 4.00 4.60
N TYR A 262 -22.54 3.06 4.48
CA TYR A 262 -23.56 2.81 5.49
C TYR A 262 -23.53 1.36 5.96
N LEU A 263 -23.95 1.15 7.21
CA LEU A 263 -24.00 -0.18 7.81
C LEU A 263 -25.40 -0.42 8.34
N LYS A 264 -26.01 -1.52 7.92
CA LYS A 264 -27.35 -1.92 8.37
C LYS A 264 -27.26 -3.18 9.23
N ASP A 265 -27.89 -3.13 10.41
CA ASP A 265 -27.93 -4.27 11.31
C ASP A 265 -28.99 -5.25 10.79
N LEU A 266 -28.56 -6.44 10.37
CA LEU A 266 -29.48 -7.40 9.79
C LEU A 266 -30.30 -8.15 10.84
N LYS A 267 -29.91 -8.10 12.12
CA LYS A 267 -30.75 -8.66 13.16
C LYS A 267 -31.94 -7.77 13.50
N GLN A 268 -31.92 -6.51 13.08
CA GLN A 268 -33.02 -5.57 13.28
C GLN A 268 -33.65 -5.26 11.92
N PRO A 269 -34.55 -6.13 11.45
CA PRO A 269 -35.07 -5.98 10.07
C PRO A 269 -35.65 -4.60 9.76
N ARG A 270 -36.40 -4.00 10.68
CA ARG A 270 -37.02 -2.70 10.41
C ARG A 270 -36.02 -1.55 10.42
N SER A 271 -34.82 -1.74 10.95
CA SER A 271 -33.88 -0.64 11.10
C SER A 271 -33.41 -0.16 9.72
N SER A 272 -32.90 1.06 9.71
CA SER A 272 -32.37 1.66 8.49
C SER A 272 -30.83 1.71 8.56
N PRO A 273 -30.16 1.69 7.40
CA PRO A 273 -28.70 1.77 7.40
C PRO A 273 -28.20 3.05 8.05
N LYS A 274 -27.25 2.90 8.95
CA LYS A 274 -26.62 4.03 9.66
C LYS A 274 -25.30 4.38 8.98
N VAL A 275 -24.90 5.65 9.15
CA VAL A 275 -23.62 6.10 8.61
C VAL A 275 -22.50 5.29 9.26
N PHE A 276 -21.68 4.66 8.42
CA PHE A 276 -20.54 3.88 8.84
C PHE A 276 -19.24 4.64 8.61
N LEU A 277 -19.10 5.26 7.44
CA LEU A 277 -17.88 5.97 7.08
C LEU A 277 -18.29 7.13 6.18
N ASP A 278 -18.08 8.36 6.62
CA ASP A 278 -18.30 9.55 5.76
C ASP A 278 -16.94 10.07 5.35
N THR A 279 -16.54 9.77 4.10
CA THR A 279 -15.17 10.07 3.68
C THR A 279 -14.91 11.55 3.51
N HIS A 280 -15.94 12.39 3.51
CA HIS A 280 -15.72 13.82 3.38
C HIS A 280 -15.60 14.52 4.73
N LYS A 281 -15.75 13.81 5.84
CA LYS A 281 -15.59 14.38 7.15
C LYS A 281 -14.39 13.79 7.90
N GLU A 282 -13.62 12.91 7.26
CA GLU A 282 -12.46 12.30 7.89
C GLU A 282 -11.22 13.18 7.72
N SER A 283 -10.37 13.17 8.73
CA SER A 283 -9.09 13.86 8.66
C SER A 283 -7.97 12.84 8.53
N PRO A 284 -7.39 12.66 7.33
CA PRO A 284 -6.28 11.72 7.17
C PRO A 284 -5.04 12.22 7.90
N LEU A 285 -4.18 11.27 8.24
CA LEU A 285 -2.87 11.57 8.81
C LEU A 285 -1.83 11.19 7.76
N ARG A 286 -1.15 12.18 7.23
CA ARG A 286 -0.23 11.91 6.12
C ARG A 286 1.10 11.40 6.64
N PRO A 287 1.77 10.54 5.87
CA PRO A 287 3.08 10.06 6.31
C PRO A 287 4.13 11.14 6.24
N LYS A 288 5.12 11.03 7.11
CA LYS A 288 6.31 11.85 7.05
C LYS A 288 7.46 11.05 6.45
N VAL A 289 8.37 11.76 5.77
CA VAL A 289 9.51 11.13 5.13
C VAL A 289 10.74 11.98 5.43
N ARG A 290 11.91 11.32 5.56
CA ARG A 290 13.23 11.94 5.63
C ARG A 290 13.41 12.97 4.52
N PRO A 291 14.15 14.06 4.75
CA PRO A 291 14.42 15.00 3.65
C PRO A 291 15.15 14.35 2.49
N LEU A 292 14.94 14.90 1.28
CA LEU A 292 15.56 14.35 0.08
C LEU A 292 17.08 14.28 0.19
N SER A 293 17.69 15.21 0.93
CA SER A 293 19.14 15.22 1.04
C SER A 293 19.69 13.95 1.69
N GLU A 294 18.88 13.22 2.45
CA GLU A 294 19.32 12.02 3.14
C GLU A 294 18.92 10.73 2.43
N GLN A 295 18.22 10.82 1.31
CA GLN A 295 17.65 9.64 0.68
C GLN A 295 18.62 8.99 -0.29
N GLY A 296 18.42 7.68 -0.51
CA GLY A 296 19.30 6.91 -1.38
C GLY A 296 18.92 7.03 -2.85
N GLU A 297 19.85 6.56 -3.70
CA GLU A 297 19.72 6.68 -5.15
C GLU A 297 18.43 6.04 -5.66
N TYR A 298 18.07 4.89 -5.12
CA TYR A 298 16.88 4.16 -5.58
C TYR A 298 15.74 4.23 -4.57
N GLU A 299 15.79 5.22 -3.68
CA GLU A 299 14.67 5.53 -2.82
C GLU A 299 13.64 6.36 -3.60
N SER A 300 12.36 6.00 -3.45
CA SER A 300 11.32 6.38 -4.41
C SER A 300 11.32 7.88 -4.75
N ARG A 301 11.21 8.74 -3.73
CA ARG A 301 11.04 10.15 -4.06
C ARG A 301 12.30 10.72 -4.71
N LYS A 302 13.47 10.26 -4.28
CA LYS A 302 14.71 10.73 -4.86
C LYS A 302 14.88 10.19 -6.28
N LEU A 303 14.61 8.90 -6.47
CA LEU A 303 14.84 8.29 -7.78
C LEU A 303 14.01 8.98 -8.85
N TRP A 304 12.76 9.32 -8.53
CA TRP A 304 11.82 9.84 -9.51
C TRP A 304 11.75 11.36 -9.51
N LYS A 305 12.67 12.03 -8.80
CA LYS A 305 12.55 13.47 -8.56
C LYS A 305 12.54 14.28 -9.85
N LYS A 306 13.34 13.86 -10.84
CA LYS A 306 13.38 14.61 -12.09
C LYS A 306 12.10 14.41 -12.89
N VAL A 307 11.53 13.21 -12.83
CA VAL A 307 10.26 12.95 -13.52
C VAL A 307 9.14 13.75 -12.86
N THR A 308 9.03 13.66 -11.53
CA THR A 308 7.93 14.32 -10.85
C THR A 308 8.06 15.84 -10.95
N ASP A 309 9.29 16.36 -10.97
CA ASP A 309 9.48 17.80 -11.20
C ASP A 309 8.94 18.22 -12.57
N ALA A 310 9.22 17.43 -13.60
CA ALA A 310 8.70 17.75 -14.92
C ALA A 310 7.19 17.56 -14.98
N LEU A 311 6.66 16.52 -14.32
CA LEU A 311 5.20 16.37 -14.23
C LEU A 311 4.56 17.60 -13.57
N ALA A 312 5.20 18.11 -12.51
CA ALA A 312 4.61 19.23 -11.77
C ALA A 312 4.53 20.51 -12.60
N VAL A 313 5.39 20.65 -13.61
CA VAL A 313 5.33 21.80 -14.51
C VAL A 313 4.69 21.45 -15.84
N ARG A 314 4.09 20.26 -15.96
CA ARG A 314 3.42 19.82 -17.18
C ARG A 314 4.36 19.78 -18.38
N ASN A 315 5.63 19.45 -18.17
CA ASN A 315 6.58 19.34 -19.27
C ASN A 315 6.72 17.86 -19.62
N HIS A 316 5.84 17.38 -20.49
CA HIS A 316 5.79 15.94 -20.70
C HIS A 316 6.88 15.39 -21.61
N PRO A 317 7.45 16.18 -22.54
CA PRO A 317 8.69 15.72 -23.19
C PRO A 317 9.81 15.42 -22.21
N VAL A 318 10.04 16.29 -21.24
CA VAL A 318 11.13 16.05 -20.30
C VAL A 318 10.80 14.88 -19.39
N ALA A 319 9.57 14.81 -18.88
CA ALA A 319 9.18 13.68 -18.04
C ALA A 319 9.34 12.36 -18.78
N THR A 320 8.95 12.33 -20.06
CA THR A 320 9.09 11.11 -20.86
C THR A 320 10.56 10.71 -21.01
N GLU A 321 11.44 11.68 -21.31
CA GLU A 321 12.85 11.37 -21.47
C GLU A 321 13.49 10.93 -20.15
N GLU A 322 13.17 11.61 -19.05
CA GLU A 322 13.73 11.23 -17.75
C GLU A 322 13.27 9.84 -17.34
N LYS A 323 12.01 9.51 -17.60
CA LYS A 323 11.50 8.19 -17.26
C LYS A 323 12.14 7.11 -18.13
N PHE A 324 12.34 7.40 -19.42
CA PHE A 324 13.00 6.43 -20.28
C PHE A 324 14.42 6.15 -19.80
N GLN A 325 15.15 7.18 -19.37
CA GLN A 325 16.52 6.96 -18.90
C GLN A 325 16.53 6.00 -17.71
N ILE A 326 15.59 6.16 -16.79
CA ILE A 326 15.53 5.31 -15.60
C ILE A 326 15.20 3.88 -15.99
N GLU A 327 14.19 3.72 -16.84
CA GLU A 327 13.75 2.37 -17.21
C GLU A 327 14.73 1.72 -18.17
N ASP A 328 15.39 2.51 -19.02
CA ASP A 328 16.45 1.94 -19.86
C ASP A 328 17.62 1.44 -19.03
N HIS A 329 18.00 2.21 -17.99
CA HIS A 329 19.06 1.75 -17.10
C HIS A 329 18.69 0.44 -16.43
N GLN A 330 17.42 0.29 -16.01
CA GLN A 330 17.00 -0.99 -15.42
C GLN A 330 17.08 -2.12 -16.43
N ARG A 331 16.71 -1.88 -17.69
CA ARG A 331 16.82 -2.94 -18.68
C ARG A 331 18.28 -3.35 -18.87
N GLN A 332 19.20 -2.39 -18.79
CA GLN A 332 20.61 -2.72 -18.89
C GLN A 332 21.08 -3.50 -17.67
N LEU A 333 20.63 -3.11 -16.47
CA LEU A 333 21.00 -3.87 -15.29
C LEU A 333 20.49 -5.30 -15.38
N ALA A 334 19.27 -5.49 -15.90
CA ALA A 334 18.74 -6.85 -16.02
C ALA A 334 19.56 -7.68 -16.99
N LYS A 335 19.99 -7.06 -18.10
CA LYS A 335 20.88 -7.75 -19.03
C LYS A 335 22.19 -8.15 -18.35
N LYS A 336 22.72 -7.27 -17.52
CA LYS A 336 23.98 -7.59 -16.84
C LYS A 336 23.81 -8.77 -15.88
N ARG A 337 22.65 -8.88 -15.23
CA ARG A 337 22.37 -10.05 -14.40
C ARG A 337 22.41 -11.34 -15.20
N ILE A 338 21.80 -11.34 -16.39
CA ILE A 338 21.82 -12.53 -17.24
C ILE A 338 23.25 -12.88 -17.62
N GLU A 339 24.05 -11.85 -17.95
CA GLU A 339 25.45 -12.07 -18.32
C GLU A 339 26.26 -12.65 -17.16
N ASP A 340 26.02 -12.17 -15.94
CA ASP A 340 26.70 -12.71 -14.78
C ASP A 340 26.10 -14.02 -14.29
N GLY A 341 24.98 -14.45 -14.86
CA GLY A 341 24.35 -15.68 -14.43
C GLY A 341 23.74 -15.61 -13.04
N VAL A 342 23.34 -14.43 -12.59
CA VAL A 342 22.76 -14.25 -11.27
C VAL A 342 21.34 -13.73 -11.44
N GLU A 343 20.61 -13.66 -10.34
CA GLU A 343 19.29 -13.06 -10.37
C GLU A 343 19.17 -12.09 -9.21
N PHE A 344 18.18 -11.21 -9.32
CA PHE A 344 17.96 -10.20 -8.30
C PHE A 344 17.40 -10.85 -7.04
N HIS A 345 17.87 -10.40 -5.88
CA HIS A 345 17.22 -10.74 -4.63
C HIS A 345 17.00 -9.47 -3.83
N PRO A 346 15.83 -9.32 -3.19
CA PRO A 346 15.53 -8.10 -2.45
C PRO A 346 16.48 -7.85 -1.29
N LYS A 347 16.64 -6.56 -0.96
CA LYS A 347 17.51 -6.14 0.15
C LYS A 347 16.80 -6.28 1.49
N LEU A 348 15.51 -6.03 1.52
CA LEU A 348 14.81 -5.87 2.79
C LEU A 348 13.77 -6.93 3.07
N PHE A 349 13.42 -7.77 2.11
CA PHE A 349 12.36 -8.76 2.27
C PHE A 349 12.88 -10.14 1.89
N ARG A 350 12.54 -11.13 2.71
CA ARG A 350 12.93 -12.51 2.48
C ARG A 350 11.74 -13.28 1.92
N ARG A 351 12.03 -14.26 1.06
CA ARG A 351 10.97 -15.09 0.53
C ARG A 351 10.27 -15.87 1.64
N SER A 352 8.95 -15.82 1.65
CA SER A 352 8.20 -16.53 2.68
C SER A 352 8.34 -18.03 2.51
N LYS A 353 8.02 -18.75 3.59
CA LYS A 353 7.94 -20.19 3.53
C LYS A 353 6.73 -20.62 2.70
N PRO A 354 6.77 -21.81 2.10
CA PRO A 354 5.62 -22.30 1.34
C PRO A 354 4.35 -22.33 2.19
N GLY A 355 3.21 -22.12 1.55
CA GLY A 355 1.93 -22.26 2.21
C GLY A 355 1.46 -21.03 2.95
N GLU A 356 2.24 -19.97 3.02
CA GLU A 356 1.83 -18.77 3.72
C GLU A 356 1.09 -17.81 2.80
N ASP A 357 0.46 -16.80 3.41
CA ASP A 357 -0.41 -15.91 2.66
C ASP A 357 0.37 -14.98 1.73
N LEU A 358 1.61 -14.67 2.08
CA LEU A 358 2.39 -13.62 1.41
C LEU A 358 3.63 -14.20 0.76
N ASP A 359 4.01 -13.64 -0.38
CA ASP A 359 5.21 -14.04 -1.10
C ASP A 359 6.49 -13.66 -0.35
N TYR A 360 6.48 -12.51 0.34
CA TYR A 360 7.66 -11.94 0.97
C TYR A 360 7.28 -11.43 2.35
N CYS A 361 8.24 -11.45 3.28
CA CYS A 361 8.09 -10.82 4.58
C CYS A 361 9.39 -10.08 4.91
N ILE A 362 9.27 -9.03 5.73
CA ILE A 362 10.46 -8.25 6.09
C ILE A 362 11.50 -9.19 6.71
N TYR A 363 12.77 -8.93 6.42
CA TYR A 363 13.78 -9.93 6.78
C TYR A 363 14.03 -9.98 8.27
N LYS A 364 13.75 -8.90 8.99
CA LYS A 364 14.17 -8.76 10.38
C LYS A 364 13.27 -9.60 11.28
N ASN A 365 13.87 -10.32 12.22
CA ASN A 365 13.11 -11.05 13.21
C ASN A 365 12.63 -10.08 14.29
N ILE A 366 11.33 -10.01 14.49
CA ILE A 366 10.77 -9.13 15.50
C ILE A 366 9.88 -9.99 16.39
N PRO A 367 10.37 -10.45 17.54
CA PRO A 367 9.58 -11.34 18.40
C PRO A 367 8.29 -10.68 18.84
N VAL A 368 7.22 -11.47 18.85
CA VAL A 368 5.87 -10.93 18.95
C VAL A 368 5.65 -10.26 20.29
N ASP A 369 6.19 -10.82 21.38
CA ASP A 369 5.91 -10.33 22.72
C ASP A 369 7.06 -9.59 23.37
N GLU A 370 8.14 -9.32 22.67
CA GLU A 370 9.21 -8.58 23.33
C GLU A 370 8.81 -7.12 23.53
N ASP A 371 9.47 -6.46 24.49
CA ASP A 371 9.31 -5.03 24.78
C ASP A 371 9.20 -4.22 23.50
N PRO A 372 8.16 -3.40 23.34
CA PRO A 372 8.03 -2.61 22.11
C PRO A 372 9.21 -1.67 21.85
N GLU A 373 9.93 -1.24 22.88
CA GLU A 373 11.13 -0.45 22.62
C GLU A 373 12.17 -1.27 21.85
N LYS A 374 12.28 -2.55 22.17
CA LYS A 374 13.17 -3.43 21.42
C LYS A 374 12.66 -3.68 20.01
N GLN A 375 11.34 -3.75 19.83
CA GLN A 375 10.77 -3.86 18.48
C GLN A 375 11.06 -2.62 17.64
N ILE A 376 10.84 -1.43 18.21
CA ILE A 376 11.18 -0.18 17.50
C ILE A 376 12.66 -0.17 17.11
N ARG A 377 13.55 -0.54 18.03
CA ARG A 377 14.98 -0.54 17.71
C ARG A 377 15.28 -1.48 16.54
N SER A 378 14.65 -2.67 16.52
CA SER A 378 14.87 -3.61 15.43
C SER A 378 14.36 -3.04 14.11
N ILE A 379 13.19 -2.40 14.14
CA ILE A 379 12.64 -1.80 12.91
C ILE A 379 13.59 -0.74 12.36
N LEU A 380 14.10 0.12 13.25
CA LEU A 380 14.94 1.23 12.80
C LEU A 380 16.28 0.75 12.28
N GLN A 381 16.71 -0.47 12.64
CA GLN A 381 17.92 -1.07 12.09
C GLN A 381 17.73 -1.54 10.65
N ILE A 382 16.49 -1.68 10.17
CA ILE A 382 16.28 -2.27 8.85
C ILE A 382 16.70 -1.30 7.75
N ALA A 383 16.27 -0.05 7.84
CA ALA A 383 16.49 0.94 6.79
C ALA A 383 16.28 2.33 7.39
N PRO A 384 16.90 3.36 6.82
CA PRO A 384 16.70 4.71 7.37
C PRO A 384 15.25 5.14 7.22
N ILE A 385 14.63 5.48 8.33
CA ILE A 385 13.25 5.93 8.36
C ILE A 385 13.13 7.35 8.91
N LEU A 386 13.75 7.61 10.05
CA LEU A 386 13.68 8.88 10.78
C LEU A 386 14.78 9.84 10.34
N PRO A 387 14.53 11.15 10.37
CA PRO A 387 15.58 12.11 10.00
C PRO A 387 16.87 11.84 10.78
N GLY A 388 17.99 11.88 10.07
CA GLY A 388 19.30 11.69 10.68
C GLY A 388 19.86 10.29 10.56
N GLN A 389 19.02 9.27 10.42
CA GLN A 389 19.53 7.92 10.23
C GLN A 389 20.31 7.82 8.94
N GLN A 390 21.38 7.02 8.95
CA GLN A 390 22.24 6.87 7.79
C GLN A 390 22.18 5.43 7.29
N PHE A 391 22.43 5.24 5.99
CA PHE A 391 22.61 3.90 5.44
C PHE A 391 23.91 3.30 5.93
N THR A 392 23.90 2.01 6.21
CA THR A 392 25.14 1.27 6.43
C THR A 392 25.51 0.52 5.15
N ASP A 393 26.73 -0.03 5.12
CA ASP A 393 27.13 -0.84 3.98
C ASP A 393 26.23 -2.05 3.82
N LYS A 394 25.78 -2.63 4.94
CA LYS A 394 25.00 -3.86 4.89
C LYS A 394 23.61 -3.66 4.30
N PHE A 395 23.10 -2.41 4.27
CA PHE A 395 21.80 -2.17 3.66
C PHE A 395 21.71 -2.78 2.27
N PHE A 396 22.77 -2.70 1.50
CA PHE A 396 22.68 -3.02 0.08
C PHE A 396 22.86 -4.50 -0.22
N ILE A 397 23.13 -5.35 0.75
CA ILE A 397 23.29 -6.77 0.44
C ILE A 397 21.93 -7.46 0.52
N PRO A 398 21.75 -8.62 -0.11
CA PRO A 398 20.41 -9.22 -0.16
C PRO A 398 19.93 -9.70 1.20
N ALA A 399 18.61 -9.65 1.40
CA ALA A 399 18.02 -10.11 2.66
C ALA A 399 18.42 -11.54 2.99
N PHE A 400 18.51 -12.41 1.99
CA PHE A 400 18.86 -13.79 2.32
C PHE A 400 20.26 -13.89 2.90
N GLU A 401 21.15 -12.95 2.54
CA GLU A 401 22.47 -12.96 3.16
C GLU A 401 22.43 -12.36 4.56
N LYS A 402 21.46 -11.50 4.83
CA LYS A 402 21.34 -10.88 6.15
C LYS A 402 20.77 -11.85 7.16
N ILE A 403 19.81 -12.68 6.76
CA ILE A 403 19.25 -13.65 7.71
C ILE A 403 20.25 -14.76 7.97
N LYS A 404 21.13 -15.05 7.00
CA LYS A 404 22.16 -16.06 7.22
C LYS A 404 23.07 -15.67 8.38
N SER A 405 23.42 -14.39 8.47
CA SER A 405 24.21 -13.91 9.60
C SER A 405 23.36 -13.68 10.85
N GLN A 406 22.09 -13.30 10.69
CA GLN A 406 21.21 -13.08 11.82
C GLN A 406 21.05 -14.34 12.68
N LYS A 407 21.39 -15.51 12.15
CA LYS A 407 21.41 -16.73 12.93
C LYS A 407 22.78 -17.40 12.99
N LYS A 408 23.72 -17.04 12.09
CA LYS A 408 25.06 -17.59 12.16
C LYS A 408 25.80 -17.14 13.42
N MET A 409 25.56 -15.90 13.86
CA MET A 409 26.13 -15.44 15.12
C MET A 409 25.48 -16.13 16.32
N ILE A 410 24.22 -16.55 16.19
CA ILE A 410 23.53 -17.23 17.27
C ILE A 410 24.09 -18.62 17.50
N VAL B 1 21.73 -8.11 11.54
CA VAL B 1 22.40 -7.22 10.59
C VAL B 1 21.56 -5.95 10.43
N ALA B 2 22.21 -4.80 10.51
CA ALA B 2 21.53 -3.51 10.44
C ALA B 2 21.86 -2.80 9.13
N GLY B 3 20.81 -2.37 8.43
CA GLY B 3 20.98 -1.55 7.26
C GLY B 3 21.04 -0.07 7.53
N ALA B 4 20.75 0.34 8.77
CA ALA B 4 20.69 1.74 9.10
C ALA B 4 21.28 1.98 10.47
N THR B 5 21.80 3.21 10.66
CA THR B 5 22.30 3.64 11.95
C THR B 5 21.12 4.09 12.81
N LEU B 6 21.29 3.96 14.12
CA LEU B 6 20.22 4.21 15.07
C LEU B 6 20.33 5.62 15.66
N PRO B 7 19.20 6.22 16.03
CA PRO B 7 19.27 7.46 16.82
C PRO B 7 19.91 7.16 18.17
N GLU B 8 20.51 8.20 18.76
CA GLU B 8 21.21 8.03 20.03
C GLU B 8 20.26 7.52 21.12
N THR B 9 19.01 7.98 21.12
CA THR B 9 17.97 7.46 22.00
C THR B 9 16.86 6.87 21.13
N ILE B 10 16.41 5.67 21.47
CA ILE B 10 15.30 5.07 20.73
C ILE B 10 14.01 5.79 21.13
N PRO B 11 13.29 6.41 20.19
CA PRO B 11 12.11 7.20 20.56
C PRO B 11 10.93 6.30 20.91
N THR B 12 10.25 6.63 22.01
CA THR B 12 9.04 5.95 22.45
C THR B 12 8.10 6.99 23.06
N SER B 13 6.84 6.58 23.24
CA SER B 13 5.91 7.42 23.99
C SER B 13 6.43 7.74 25.39
N LYS B 14 7.26 6.87 25.95
CA LYS B 14 7.73 7.06 27.33
C LYS B 14 8.80 8.15 27.46
N ASN B 15 9.62 8.39 26.43
CA ASN B 15 10.58 9.48 26.48
C ASN B 15 10.18 10.64 25.58
N TYR B 16 8.88 10.75 25.26
CA TYR B 16 8.39 11.86 24.46
C TYR B 16 8.70 13.21 25.10
N TYR B 17 8.62 13.27 26.43
CA TYR B 17 8.84 14.53 27.13
C TYR B 17 10.26 15.05 26.95
N LEU B 18 11.21 14.15 26.69
CA LEU B 18 12.58 14.60 26.42
C LEU B 18 12.72 15.23 25.05
N ARG B 19 11.77 15.02 24.15
CA ARG B 19 11.90 15.49 22.78
C ARG B 19 10.90 16.58 22.41
N PHE B 20 9.96 16.90 23.30
CA PHE B 20 8.94 17.92 23.02
C PHE B 20 8.63 18.73 24.27
N ASP B 21 8.31 20.02 24.06
CA ASP B 21 7.98 20.95 25.12
C ASP B 21 6.72 20.53 25.87
N GLU B 22 6.47 21.21 27.00
CA GLU B 22 5.18 21.08 27.66
C GLU B 22 4.08 21.81 26.89
N ASP B 23 4.46 22.70 25.97
CA ASP B 23 3.54 23.28 25.00
C ASP B 23 3.46 22.47 23.70
N GLY B 24 4.20 21.36 23.61
CA GLY B 24 4.11 20.47 22.48
C GLY B 24 5.06 20.74 21.34
N LYS B 25 6.04 21.62 21.51
CA LYS B 25 6.94 22.00 20.44
C LYS B 25 8.30 21.32 20.62
N SER B 26 8.99 21.11 19.50
CA SER B 26 10.26 20.40 19.51
C SER B 26 11.34 21.20 20.24
N ILE B 27 12.34 20.47 20.72
CA ILE B 27 13.46 21.09 21.41
C ILE B 27 14.78 20.49 20.93
C P5S C . 2.57 0.61 -17.82
N P5S C . 3.26 -1.41 -19.13
O P5S C . 3.58 1.16 -18.31
C1 P5S C . 0.00 -0.71 -11.83
C2 P5S C . 0.06 -1.58 -13.06
C3 P5S C . 1.43 -2.07 -13.47
CA P5S C . 2.16 -0.74 -18.44
CB P5S C . 1.62 -1.64 -17.34
OG P5S C . 2.58 -1.90 -16.34
P12 P5S C . 2.55 -3.31 -15.51
O13 P5S C . 2.12 -4.47 -16.35
O15 P5S C . 3.77 -3.44 -14.65
O16 P5S C . 1.29 -2.98 -14.52
C17 P5S C . -1.75 0.73 -11.15
O18 P5S C . -0.97 1.64 -11.00
O19 P5S C . -1.37 -0.49 -11.48
C20 P5S C . -3.25 0.84 -11.02
C21 P5S C . -3.71 1.97 -10.13
C22 P5S C . -3.03 1.94 -8.76
C23 P5S C . -4.03 1.75 -7.64
C24 P5S C . -3.40 1.78 -6.26
C25 P5S C . -4.25 1.00 -5.28
C26 P5S C . -4.15 1.51 -3.85
C27 P5S C . -2.88 1.00 -3.18
C28 P5S C . -2.41 -0.37 -3.64
C29 P5S C . -2.92 -1.53 -2.81
C30 P5S C . -3.53 -1.13 -1.49
C31 P5S C . -3.39 -2.24 -0.47
C32 P5S C . -2.60 -1.77 0.74
C33 P5S C . -3.49 -1.56 1.93
C34 P5S C . -2.75 -1.56 3.24
C35 P5S C . -3.75 -1.57 4.39
O37 P5S C . -0.50 -0.82 -14.13
C38 P5S C . -1.52 -1.31 -14.82
C39 P5S C . -1.74 -0.51 -16.05
C40 P5S C . -3.10 -0.86 -16.57
C41 P5S C . -3.99 0.35 -16.43
C42 P5S C . -4.43 0.44 -14.99
C43 P5S C . -5.90 0.76 -14.93
C44 P5S C . -6.22 1.56 -13.68
C45 P5S C . -5.47 2.87 -13.58
C46 P5S C . -5.71 3.79 -14.77
O47 P5S C . -2.20 -2.26 -14.50
C48 P5S C . -5.04 5.15 -14.63
C49 P5S C . -3.96 5.49 -15.66
C50 P5S C . -3.94 4.69 -16.96
C51 P5S C . -4.85 5.31 -18.02
C52 P5S C . -4.53 4.90 -19.46
C53 P5S C . -4.74 3.43 -19.74
C54 P5S C . -4.76 3.10 -21.23
C55 P5S C . -4.68 1.61 -21.51
C56 P5S C . -4.42 1.24 -22.96
OXT P5S C . 1.85 1.02 -16.88
#